data_7M4R
#
_entry.id   7M4R
#
_cell.length_a   1.00
_cell.length_b   1.00
_cell.length_c   1.00
_cell.angle_alpha   90.00
_cell.angle_beta   90.00
_cell.angle_gamma   90.00
#
_symmetry.space_group_name_H-M   'P 1'
#
loop_
_entity.id
_entity.type
_entity.pdbx_description
1 polymer 'MAGUK p55 subfamily member 5'
2 polymer 'Envelope small membrane protein'
#
loop_
_entity_poly.entity_id
_entity_poly.type
_entity_poly.pdbx_seq_one_letter_code
_entity_poly.pdbx_strand_id
1 'polypeptide(L)'
;SNAPITDERVYESIGQYGGETVKIVRIEKARDIPLGATVRNEMDSVIISRIVKGGAAEKSGLLHEGDEVLEINGIEIRGK
DVNEVFDLLSDMHGTLTFVLIPSQQIKPPPAKETVIHVKAHFDYDPSDDPYVPCRELGLSFQKGDILHVISQEDPNWWQA
YREGDEDNQPLAGLVPGKEEILTYEEMSLYHQPANRKRPIILIGPQNCGQNELRQRLMNKEKDRFASAVPHTTRSRRDQE
VAGRDYHFVSRQAFEADIAAGKFIEHGEFEKNLYGTSIDSVRQVINSGKICLLSLRTQSLKTLRNSDLKPYIIFIAPPSQ
ERLRALLAKEGKNPKPEELREIIEKTREMEQNNGHYFDTAIVNSDLDKAYQELLRLINKLDTEPQWVPSTWLR
;
A,B
2 'polypeptide(L)' VYSRVKNLNSSRVPDLLV C
#
# COMPACT_ATOMS: atom_id res chain seq x y z
N GLN A 16 4.46 40.03 -33.55
CA GLN A 16 3.26 39.27 -33.87
C GLN A 16 3.28 37.91 -33.15
N TYR A 17 2.10 37.37 -32.88
CA TYR A 17 1.94 36.13 -32.13
C TYR A 17 2.65 36.22 -30.79
N GLY A 18 2.37 37.29 -30.05
CA GLY A 18 2.94 37.47 -28.74
C GLY A 18 4.35 38.01 -28.76
N GLY A 19 5.12 37.65 -29.77
CA GLY A 19 6.51 38.07 -29.83
C GLY A 19 7.34 37.55 -28.68
N GLU A 20 7.17 36.29 -28.33
CA GLU A 20 7.87 35.68 -27.21
C GLU A 20 8.76 34.54 -27.73
N THR A 21 9.36 33.80 -26.80
CA THR A 21 10.28 32.72 -27.16
C THR A 21 9.47 31.63 -27.85
N VAL A 22 9.53 31.60 -29.17
CA VAL A 22 8.63 30.83 -30.00
C VAL A 22 9.37 29.65 -30.63
N LYS A 23 8.72 28.49 -30.65
CA LYS A 23 9.22 27.30 -31.32
C LYS A 23 8.12 26.72 -32.20
N ILE A 24 8.54 26.12 -33.31
CA ILE A 24 7.66 25.49 -34.28
C ILE A 24 8.01 24.01 -34.31
N VAL A 25 7.02 23.14 -34.07
CA VAL A 25 7.27 21.71 -34.02
C VAL A 25 6.30 20.97 -34.94
N ARG A 26 6.69 19.76 -35.33
CA ARG A 26 5.93 18.94 -36.26
C ARG A 26 5.70 17.57 -35.67
N ILE A 27 4.45 17.12 -35.69
CA ILE A 27 4.07 15.80 -35.22
C ILE A 27 3.13 15.18 -36.24
N GLU A 28 3.29 13.89 -36.50
CA GLU A 28 2.50 13.19 -37.51
C GLU A 28 1.31 12.50 -36.84
N LYS A 29 0.12 12.67 -37.42
CA LYS A 29 -1.11 12.12 -36.88
C LYS A 29 -1.96 11.53 -37.99
N ALA A 30 -2.50 10.34 -37.74
CA ALA A 30 -3.39 9.68 -38.67
C ALA A 30 -4.84 10.12 -38.44
N ARG A 31 -5.77 9.43 -39.10
CA ARG A 31 -7.17 9.74 -38.93
C ARG A 31 -7.77 9.00 -37.73
N ASP A 32 -8.58 9.70 -36.96
CA ASP A 32 -9.32 9.13 -35.84
C ASP A 32 -8.39 8.46 -34.82
N ILE A 33 -7.26 9.10 -34.55
CA ILE A 33 -6.30 8.57 -33.59
C ILE A 33 -6.00 9.62 -32.54
N PRO A 34 -6.29 9.36 -31.26
CA PRO A 34 -5.97 10.33 -30.22
C PRO A 34 -4.47 10.55 -30.12
N LEU A 35 -4.07 11.76 -29.73
CA LEU A 35 -2.66 12.09 -29.63
C LEU A 35 -2.12 12.06 -28.21
N GLY A 36 -2.85 11.48 -27.27
CA GLY A 36 -2.28 11.21 -25.96
C GLY A 36 -1.85 12.43 -25.18
N ALA A 37 -2.43 13.59 -25.46
CA ALA A 37 -2.17 14.80 -24.69
C ALA A 37 -3.46 15.26 -24.04
N THR A 38 -3.35 15.80 -22.82
CA THR A 38 -4.50 16.28 -22.08
C THR A 38 -4.42 17.79 -21.97
N VAL A 39 -5.38 18.48 -22.58
CA VAL A 39 -5.41 19.93 -22.60
C VAL A 39 -6.45 20.42 -21.60
N ARG A 40 -6.04 21.37 -20.77
CA ARG A 40 -6.89 21.99 -19.76
C ARG A 40 -7.49 23.27 -20.33
N ASN A 41 -8.13 24.06 -19.46
CA ASN A 41 -8.55 25.40 -19.85
C ASN A 41 -8.56 26.26 -18.58
N GLU A 42 -7.59 27.15 -18.49
CA GLU A 42 -7.45 28.11 -17.41
C GLU A 42 -7.58 29.49 -18.02
N MET A 43 -7.05 30.50 -17.34
CA MET A 43 -7.13 31.88 -17.83
C MET A 43 -6.67 32.10 -19.27
N ASP A 44 -7.52 32.73 -20.08
CA ASP A 44 -7.18 33.04 -21.48
C ASP A 44 -6.01 32.34 -22.17
N SER A 45 -5.91 31.02 -22.05
CA SER A 45 -4.89 30.29 -22.79
C SER A 45 -5.12 28.81 -22.52
N VAL A 46 -4.64 27.97 -23.43
CA VAL A 46 -4.84 26.52 -23.34
C VAL A 46 -3.51 25.91 -22.94
N ILE A 47 -3.55 24.97 -22.00
CA ILE A 47 -2.35 24.46 -21.35
C ILE A 47 -2.30 22.94 -21.51
N ILE A 48 -1.20 22.44 -22.06
CA ILE A 48 -0.97 20.99 -22.07
C ILE A 48 -0.76 20.53 -20.64
N SER A 49 -1.47 19.49 -20.23
CA SER A 49 -1.44 19.08 -18.83
C SER A 49 -0.79 17.73 -18.58
N ARG A 50 -0.99 16.73 -19.42
CA ARG A 50 -0.37 15.43 -19.24
C ARG A 50 0.16 14.91 -20.56
N ILE A 51 1.11 13.98 -20.47
CA ILE A 51 1.61 13.25 -21.63
C ILE A 51 1.29 11.78 -21.40
N VAL A 52 0.41 11.23 -22.21
CA VAL A 52 -0.05 9.85 -22.06
C VAL A 52 0.82 8.94 -22.92
N LYS A 53 1.41 7.93 -22.30
CA LYS A 53 2.36 7.06 -22.98
C LYS A 53 1.70 6.32 -24.14
N GLY A 54 2.53 5.76 -25.00
CA GLY A 54 2.05 4.98 -26.12
C GLY A 54 1.46 5.80 -27.25
N GLY A 55 1.49 7.11 -27.16
CA GLY A 55 0.95 7.95 -28.22
C GLY A 55 2.05 8.69 -28.97
N ALA A 56 1.72 9.24 -30.13
CA ALA A 56 2.74 9.86 -30.96
C ALA A 56 3.47 10.98 -30.23
N ALA A 57 2.77 11.66 -29.32
CA ALA A 57 3.42 12.72 -28.55
C ALA A 57 4.54 12.17 -27.69
N GLU A 58 4.32 11.02 -27.04
CA GLU A 58 5.38 10.42 -26.27
C GLU A 58 6.47 9.83 -27.16
N LYS A 59 6.07 9.23 -28.29
CA LYS A 59 7.04 8.62 -29.20
C LYS A 59 8.05 9.65 -29.68
N SER A 60 7.57 10.80 -30.16
CA SER A 60 8.51 11.84 -30.59
C SER A 60 9.27 12.42 -29.41
N GLY A 61 8.67 12.41 -28.23
CA GLY A 61 9.34 12.94 -27.04
C GLY A 61 9.69 14.40 -27.14
N LEU A 62 8.77 15.22 -27.64
CA LEU A 62 9.01 16.64 -27.83
C LEU A 62 8.19 17.50 -26.87
N LEU A 63 6.87 17.36 -26.89
CA LEU A 63 6.00 18.20 -26.08
C LEU A 63 6.19 17.88 -24.59
N HIS A 64 5.85 18.85 -23.75
CA HIS A 64 6.02 18.69 -22.31
C HIS A 64 4.90 19.41 -21.60
N GLU A 65 4.66 19.00 -20.35
CA GLU A 65 3.65 19.65 -19.54
C GLU A 65 4.07 21.09 -19.22
N GLY A 66 3.08 21.93 -18.97
CA GLY A 66 3.30 23.30 -18.58
C GLY A 66 3.32 24.28 -19.75
N ASP A 67 3.45 23.78 -20.96
CA ASP A 67 3.54 24.65 -22.12
C ASP A 67 2.20 25.31 -22.41
N GLU A 68 2.11 25.97 -23.54
CA GLU A 68 0.85 26.51 -24.02
C GLU A 68 0.79 26.39 -25.55
N VAL A 69 -0.22 27.01 -26.15
CA VAL A 69 -0.45 26.91 -27.58
C VAL A 69 -0.82 28.28 -28.13
N LEU A 70 -0.33 28.60 -29.33
CA LEU A 70 -0.69 29.84 -30.02
C LEU A 70 -1.59 29.58 -31.23
N GLU A 71 -1.13 28.80 -32.20
CA GLU A 71 -1.99 28.43 -33.31
C GLU A 71 -1.65 27.02 -33.77
N ILE A 72 -2.66 26.33 -34.29
CA ILE A 72 -2.55 24.95 -34.72
C ILE A 72 -2.75 24.93 -36.23
N ASN A 73 -1.71 24.54 -36.97
CA ASN A 73 -1.75 24.47 -38.42
C ASN A 73 -2.22 25.79 -39.02
N GLY A 74 -1.72 26.88 -38.44
CA GLY A 74 -1.99 28.20 -38.95
C GLY A 74 -3.33 28.80 -38.56
N ILE A 75 -4.01 28.27 -37.54
CA ILE A 75 -5.27 28.82 -37.07
C ILE A 75 -5.12 29.15 -35.59
N GLU A 76 -5.36 30.41 -35.24
CA GLU A 76 -5.11 30.89 -33.88
C GLU A 76 -6.00 30.17 -32.88
N ILE A 77 -5.52 30.12 -31.64
CA ILE A 77 -6.15 29.33 -30.59
C ILE A 77 -6.60 30.20 -29.42
N ARG A 78 -5.76 31.15 -29.02
CA ARG A 78 -6.06 31.97 -27.85
C ARG A 78 -7.38 32.70 -28.02
N GLY A 79 -8.21 32.63 -26.98
CA GLY A 79 -9.52 33.27 -26.99
C GLY A 79 -10.68 32.31 -27.12
N LYS A 80 -10.45 31.00 -27.01
CA LYS A 80 -11.51 30.03 -27.23
C LYS A 80 -11.56 29.02 -26.09
N ASP A 81 -12.52 28.09 -26.12
CA ASP A 81 -12.60 27.01 -25.15
C ASP A 81 -12.03 25.73 -25.77
N VAL A 82 -12.24 24.62 -25.07
CA VAL A 82 -11.59 23.37 -25.47
C VAL A 82 -12.37 22.67 -26.57
N ASN A 83 -13.68 22.88 -26.65
CA ASN A 83 -14.51 22.05 -27.53
C ASN A 83 -14.17 22.26 -28.99
N GLU A 84 -14.00 23.52 -29.42
CA GLU A 84 -13.63 23.76 -30.81
C GLU A 84 -12.22 23.27 -31.10
N VAL A 85 -11.34 23.28 -30.09
CA VAL A 85 -10.03 22.67 -30.27
C VAL A 85 -10.18 21.18 -30.55
N PHE A 86 -11.05 20.51 -29.80
CA PHE A 86 -11.30 19.09 -30.00
C PHE A 86 -11.87 18.84 -31.40
N ASP A 87 -12.81 19.68 -31.82
CA ASP A 87 -13.39 19.53 -33.15
C ASP A 87 -12.34 19.75 -34.24
N LEU A 88 -11.45 20.72 -34.05
CA LEU A 88 -10.37 20.94 -35.01
C LEU A 88 -9.45 19.75 -35.11
N LEU A 89 -9.05 19.19 -33.96
CA LEU A 89 -8.11 18.08 -34.01
C LEU A 89 -8.74 16.78 -34.47
N SER A 90 -10.05 16.62 -34.35
CA SER A 90 -10.70 15.40 -34.78
C SER A 90 -11.13 15.45 -36.26
N ASP A 91 -10.65 16.44 -37.02
CA ASP A 91 -11.03 16.57 -38.42
C ASP A 91 -9.85 16.81 -39.34
N MET A 92 -8.62 16.74 -38.83
CA MET A 92 -7.43 17.03 -39.61
C MET A 92 -6.43 15.89 -39.48
N HIS A 93 -5.82 15.52 -40.60
CA HIS A 93 -4.89 14.40 -40.66
C HIS A 93 -3.64 14.82 -41.41
N GLY A 94 -2.57 14.08 -41.18
CA GLY A 94 -1.31 14.35 -41.84
C GLY A 94 -0.30 15.03 -40.95
N THR A 95 0.59 15.83 -41.54
CA THR A 95 1.62 16.50 -40.79
C THR A 95 1.05 17.69 -40.05
N LEU A 96 1.40 17.83 -38.78
CA LEU A 96 0.94 18.93 -37.95
C LEU A 96 2.00 20.02 -37.86
N THR A 97 1.57 21.19 -37.41
CA THR A 97 2.47 22.30 -37.11
C THR A 97 1.96 22.95 -35.84
N PHE A 98 2.77 22.92 -34.79
CA PHE A 98 2.43 23.48 -33.50
C PHE A 98 3.37 24.63 -33.17
N VAL A 99 2.84 25.61 -32.44
CA VAL A 99 3.59 26.79 -32.02
C VAL A 99 3.58 26.82 -30.50
N LEU A 100 4.76 26.89 -29.88
CA LEU A 100 4.84 26.76 -28.43
C LEU A 100 5.87 27.70 -27.85
N ILE A 101 5.68 28.05 -26.58
CA ILE A 101 6.74 28.65 -25.78
C ILE A 101 7.11 27.62 -24.71
N PRO A 102 8.36 27.53 -24.32
CA PRO A 102 8.77 26.44 -23.43
C PRO A 102 8.23 26.57 -22.03
N SER A 103 8.47 25.55 -21.21
CA SER A 103 8.16 25.58 -19.79
C SER A 103 9.18 26.43 -19.05
N GLN A 104 8.79 26.88 -17.87
CA GLN A 104 9.68 27.65 -17.01
C GLN A 104 10.90 26.83 -16.58
N GLU A 113 11.57 5.12 -15.71
CA GLU A 113 11.45 4.12 -14.67
C GLU A 113 11.44 2.71 -15.23
N THR A 114 10.98 1.76 -14.43
CA THR A 114 10.88 0.38 -14.86
C THR A 114 9.54 -0.16 -14.38
N VAL A 115 8.99 -1.12 -15.13
CA VAL A 115 7.71 -1.68 -14.77
C VAL A 115 7.79 -2.33 -13.40
N ILE A 116 6.71 -2.22 -12.63
CA ILE A 116 6.63 -2.77 -11.28
C ILE A 116 5.27 -3.44 -11.16
N HIS A 117 5.20 -4.74 -11.45
CA HIS A 117 3.91 -5.40 -11.48
C HIS A 117 3.27 -5.39 -10.09
N VAL A 118 1.97 -5.08 -10.03
CA VAL A 118 1.25 -5.04 -8.77
C VAL A 118 -0.05 -5.84 -8.88
N LYS A 119 -0.63 -6.14 -7.72
CA LYS A 119 -1.87 -6.89 -7.61
C LYS A 119 -2.80 -6.17 -6.65
N ALA A 120 -3.98 -5.79 -7.12
CA ALA A 120 -4.86 -4.96 -6.33
C ALA A 120 -5.45 -5.76 -5.16
N HIS A 121 -6.19 -5.07 -4.30
CA HIS A 121 -6.90 -5.74 -3.23
C HIS A 121 -8.24 -5.07 -2.92
N PHE A 122 -8.83 -4.36 -3.87
CA PHE A 122 -10.14 -3.78 -3.64
C PHE A 122 -10.88 -3.70 -4.97
N ASP A 123 -11.91 -2.86 -5.02
CA ASP A 123 -12.68 -2.64 -6.23
C ASP A 123 -12.69 -1.15 -6.56
N TYR A 124 -12.92 -0.86 -7.84
CA TYR A 124 -12.89 0.53 -8.28
C TYR A 124 -13.61 0.63 -9.61
N ASP A 125 -14.28 1.76 -9.83
CA ASP A 125 -15.05 1.96 -11.04
C ASP A 125 -15.23 3.46 -11.27
N PRO A 126 -14.57 4.04 -12.27
CA PRO A 126 -14.48 5.51 -12.34
C PRO A 126 -15.82 6.21 -12.47
N SER A 127 -16.82 5.57 -13.08
CA SER A 127 -18.06 6.27 -13.36
C SER A 127 -18.78 6.72 -12.10
N ASP A 128 -18.41 6.19 -10.94
CA ASP A 128 -18.99 6.60 -9.67
C ASP A 128 -18.08 7.52 -8.86
N ASP A 129 -16.90 7.85 -9.37
CA ASP A 129 -15.97 8.66 -8.60
C ASP A 129 -15.95 10.07 -9.14
N PRO A 130 -16.46 11.05 -8.42
CA PRO A 130 -16.47 12.44 -8.90
C PRO A 130 -15.17 13.18 -8.60
N TYR A 131 -14.04 12.53 -8.87
CA TYR A 131 -12.75 13.10 -8.52
C TYR A 131 -11.70 12.97 -9.61
N VAL A 132 -11.90 12.11 -10.60
CA VAL A 132 -10.83 11.69 -11.51
C VAL A 132 -10.51 12.83 -12.48
N PRO A 133 -9.24 13.03 -12.85
CA PRO A 133 -8.91 14.17 -13.73
C PRO A 133 -9.13 13.91 -15.20
N CYS A 134 -9.90 12.89 -15.54
CA CYS A 134 -10.44 12.71 -16.88
C CYS A 134 -11.45 11.58 -16.82
N ARG A 135 -12.25 11.44 -17.88
CA ARG A 135 -13.30 10.43 -17.88
C ARG A 135 -13.15 9.39 -18.97
N GLU A 136 -12.18 9.53 -19.86
CA GLU A 136 -11.92 8.52 -20.88
C GLU A 136 -10.68 7.71 -20.57
N LEU A 137 -10.17 7.81 -19.35
CA LEU A 137 -8.97 7.09 -18.93
C LEU A 137 -9.20 6.47 -17.56
N GLY A 138 -10.34 5.79 -17.40
CA GLY A 138 -10.72 5.28 -16.11
C GLY A 138 -10.05 3.98 -15.71
N LEU A 139 -10.15 2.98 -16.59
CA LEU A 139 -9.52 1.67 -16.37
C LEU A 139 -10.10 0.99 -15.13
N SER A 140 -11.35 0.55 -15.27
CA SER A 140 -12.01 -0.24 -14.23
C SER A 140 -11.31 -1.58 -14.06
N PHE A 141 -11.31 -2.09 -12.83
CA PHE A 141 -10.69 -3.38 -12.56
C PHE A 141 -11.23 -3.97 -11.27
N GLN A 142 -11.49 -5.27 -11.27
CA GLN A 142 -12.03 -5.94 -10.10
C GLN A 142 -10.92 -6.43 -9.18
N LYS A 143 -11.32 -7.04 -8.07
CA LYS A 143 -10.35 -7.49 -7.07
C LYS A 143 -9.59 -8.71 -7.54
N GLY A 144 -8.28 -8.67 -7.39
CA GLY A 144 -7.42 -9.78 -7.74
C GLY A 144 -6.78 -9.73 -9.11
N ASP A 145 -6.83 -8.60 -9.79
CA ASP A 145 -6.25 -8.47 -11.13
C ASP A 145 -4.74 -8.32 -11.02
N ILE A 146 -4.09 -8.01 -12.13
CA ILE A 146 -2.66 -7.74 -12.17
C ILE A 146 -2.42 -6.55 -13.07
N LEU A 147 -1.55 -5.64 -12.64
CA LEU A 147 -1.32 -4.39 -13.36
C LEU A 147 0.15 -4.19 -13.65
N HIS A 148 0.46 -3.87 -14.91
CA HIS A 148 1.70 -3.19 -15.23
C HIS A 148 1.55 -1.74 -14.83
N VAL A 149 2.53 -1.19 -14.14
CA VAL A 149 2.54 0.24 -13.85
C VAL A 149 3.75 0.84 -14.55
N ILE A 150 3.54 1.93 -15.28
CA ILE A 150 4.58 2.47 -16.14
C ILE A 150 5.30 3.64 -15.48
N SER A 151 4.58 4.52 -14.81
CA SER A 151 5.16 5.73 -14.25
C SER A 151 4.47 6.10 -12.95
N GLN A 152 5.26 6.40 -11.92
CA GLN A 152 4.75 6.92 -10.67
C GLN A 152 5.09 8.40 -10.49
N GLU A 153 5.23 9.13 -11.61
CA GLU A 153 5.70 10.50 -11.54
C GLU A 153 4.75 11.39 -10.76
N ASP A 154 3.48 11.39 -11.13
CA ASP A 154 2.51 12.18 -10.40
C ASP A 154 1.97 11.33 -9.26
N PRO A 155 2.42 11.55 -8.03
CA PRO A 155 2.20 10.56 -6.97
C PRO A 155 0.77 10.49 -6.46
N ASN A 156 -0.19 11.04 -7.19
CA ASN A 156 -1.59 10.84 -6.86
C ASN A 156 -2.38 10.12 -7.93
N TRP A 157 -1.80 9.88 -9.11
CA TRP A 157 -2.49 9.15 -10.17
C TRP A 157 -1.44 8.43 -11.01
N TRP A 158 -1.39 7.11 -10.91
CA TRP A 158 -0.40 6.36 -11.67
C TRP A 158 -0.93 6.04 -13.06
N GLN A 159 -0.01 5.76 -13.98
CA GLN A 159 -0.35 5.31 -15.32
C GLN A 159 -0.11 3.81 -15.41
N ALA A 160 -1.09 3.09 -15.95
CA ALA A 160 -1.09 1.64 -15.82
C ALA A 160 -1.72 0.97 -17.01
N TYR A 161 -1.43 -0.33 -17.13
CA TYR A 161 -1.95 -1.26 -18.11
C TYR A 161 -2.48 -2.47 -17.39
N ARG A 162 -3.59 -3.04 -17.86
CA ARG A 162 -4.14 -4.24 -17.25
C ARG A 162 -3.51 -5.46 -17.91
N GLU A 163 -3.06 -6.40 -17.09
CA GLU A 163 -2.35 -7.55 -17.60
C GLU A 163 -3.25 -8.41 -18.49
N GLY A 164 -2.65 -8.99 -19.51
CA GLY A 164 -3.40 -9.79 -20.46
C GLY A 164 -4.10 -9.01 -21.54
N ASP A 165 -3.97 -7.67 -21.53
CA ASP A 165 -4.56 -6.83 -22.56
C ASP A 165 -3.58 -5.79 -23.07
N GLU A 166 -2.26 -6.05 -22.98
CA GLU A 166 -1.29 -4.97 -23.09
C GLU A 166 -1.33 -4.30 -24.46
N ASP A 167 -1.27 -5.08 -25.54
CA ASP A 167 -1.05 -4.48 -26.85
C ASP A 167 -2.23 -3.62 -27.28
N ASN A 168 -3.45 -4.17 -27.22
CA ASN A 168 -4.61 -3.52 -27.83
C ASN A 168 -5.40 -2.72 -26.80
N GLN A 169 -4.73 -1.78 -26.12
CA GLN A 169 -5.48 -0.87 -25.27
C GLN A 169 -6.04 0.30 -26.07
N PRO A 170 -5.23 1.03 -26.87
CA PRO A 170 -3.76 1.10 -27.08
C PRO A 170 -3.05 2.03 -26.10
N LEU A 171 -3.74 3.08 -25.66
CA LEU A 171 -3.15 4.07 -24.75
C LEU A 171 -3.02 3.48 -23.35
N ALA A 172 -2.74 4.34 -22.38
CA ALA A 172 -2.61 3.89 -21.01
C ALA A 172 -3.89 4.18 -20.23
N GLY A 173 -3.84 3.93 -18.92
CA GLY A 173 -4.92 4.30 -18.04
C GLY A 173 -4.40 4.97 -16.79
N LEU A 174 -5.32 5.53 -16.00
CA LEU A 174 -5.02 6.16 -14.72
C LEU A 174 -5.62 5.37 -13.59
N VAL A 175 -4.87 5.18 -12.51
CA VAL A 175 -5.40 4.48 -11.34
C VAL A 175 -4.99 5.21 -10.07
N PRO A 176 -5.85 5.17 -9.05
CA PRO A 176 -5.60 5.93 -7.84
C PRO A 176 -4.34 5.46 -7.13
N GLY A 177 -3.65 6.42 -6.52
CA GLY A 177 -2.35 6.18 -5.95
C GLY A 177 -2.34 5.98 -4.45
N LYS A 178 -3.31 5.23 -3.94
CA LYS A 178 -3.34 4.91 -2.52
C LYS A 178 -2.06 4.18 -2.13
N GLU A 179 -1.28 4.79 -1.27
CA GLU A 179 -0.16 4.06 -0.70
C GLU A 179 -0.69 2.94 0.19
N GLU A 180 0.15 1.94 0.40
CA GLU A 180 -0.24 0.78 1.20
C GLU A 180 -0.72 1.20 2.59
N ILE A 181 -2.00 0.95 2.87
CA ILE A 181 -2.59 1.24 4.17
C ILE A 181 -3.27 -0.03 4.65
N LEU A 182 -2.99 -0.42 5.88
CA LEU A 182 -3.35 -1.76 6.34
C LEU A 182 -4.83 -1.80 6.72
N THR A 183 -5.24 -2.85 7.45
CA THR A 183 -6.53 -2.90 8.13
C THR A 183 -6.39 -3.46 9.54
N TYR A 184 -5.24 -3.26 10.17
CA TYR A 184 -4.91 -3.24 11.58
C TYR A 184 -3.41 -2.96 11.67
N GLU A 185 -2.97 -2.46 12.82
CA GLU A 185 -1.55 -2.24 13.04
C GLU A 185 -1.24 -2.61 14.48
N GLU A 186 0.00 -2.39 14.90
CA GLU A 186 0.42 -2.74 16.26
C GLU A 186 1.08 -1.52 16.88
N MET A 187 0.44 -0.94 17.89
CA MET A 187 0.92 0.29 18.52
C MET A 187 1.41 0.04 19.93
N SER A 188 2.12 1.02 20.47
CA SER A 188 2.70 0.90 21.80
C SER A 188 2.86 2.27 22.42
N LEU A 189 2.91 2.30 23.75
CA LEU A 189 3.14 3.53 24.49
C LEU A 189 4.60 3.94 24.41
N TYR A 190 4.84 5.24 24.36
CA TYR A 190 6.19 5.77 24.27
C TYR A 190 6.27 7.06 25.05
N HIS A 191 7.31 7.19 25.88
CA HIS A 191 7.54 8.36 26.71
C HIS A 191 8.77 9.11 26.22
N GLN A 192 8.60 10.41 25.98
CA GLN A 192 9.71 11.21 25.51
C GLN A 192 10.80 11.27 26.57
N PRO A 193 12.06 11.08 26.21
CA PRO A 193 13.13 11.09 27.22
C PRO A 193 13.36 12.46 27.79
N ALA A 194 14.37 12.61 28.65
CA ALA A 194 14.59 13.87 29.32
C ALA A 194 15.08 14.95 28.36
N ASN A 195 16.09 14.63 27.55
CA ASN A 195 16.77 15.66 26.77
C ASN A 195 17.12 15.19 25.37
N ARG A 196 16.25 14.40 24.75
CA ARG A 196 16.35 14.11 23.31
C ARG A 196 14.94 14.21 22.76
N LYS A 197 14.52 15.41 22.40
CA LYS A 197 13.11 15.67 22.13
C LYS A 197 12.77 15.44 20.67
N ARG A 198 11.55 14.96 20.44
CA ARG A 198 11.11 14.63 19.09
C ARG A 198 11.02 15.89 18.23
N PRO A 199 11.31 15.78 16.94
CA PRO A 199 11.11 16.92 16.05
C PRO A 199 9.65 17.35 16.00
N ILE A 200 9.41 18.45 15.28
CA ILE A 200 8.07 18.95 14.99
C ILE A 200 8.03 19.27 13.51
N ILE A 201 6.99 18.84 12.82
CA ILE A 201 6.96 18.96 11.36
C ILE A 201 5.58 19.42 10.93
N LEU A 202 5.51 20.60 10.34
CA LEU A 202 4.26 21.24 9.98
C LEU A 202 4.00 21.05 8.49
N ILE A 203 2.80 20.60 8.12
CA ILE A 203 2.43 20.57 6.71
C ILE A 203 1.03 21.14 6.54
N GLY A 204 0.75 21.60 5.32
CA GLY A 204 -0.52 22.19 4.97
C GLY A 204 -0.48 22.88 3.62
N PRO A 205 -1.55 23.59 3.28
CA PRO A 205 -1.60 24.29 2.00
C PRO A 205 -0.61 25.43 1.95
N GLN A 206 -0.49 26.02 0.75
CA GLN A 206 0.64 26.90 0.47
C GLN A 206 0.50 28.27 1.12
N ASN A 207 -0.71 28.74 1.37
CA ASN A 207 -0.94 30.15 1.69
C ASN A 207 -1.89 30.30 2.87
N CYS A 208 -1.62 29.59 3.96
CA CYS A 208 -2.44 29.71 5.15
C CYS A 208 -1.59 29.99 6.38
N GLY A 209 -0.59 30.85 6.22
CA GLY A 209 0.15 31.38 7.36
C GLY A 209 1.01 30.41 8.14
N GLN A 210 1.73 29.52 7.47
CA GLN A 210 2.76 28.77 8.18
C GLN A 210 3.96 29.65 8.51
N ASN A 211 4.39 30.46 7.54
CA ASN A 211 5.65 31.18 7.68
C ASN A 211 5.62 32.15 8.84
N GLU A 212 4.52 32.88 9.01
CA GLU A 212 4.42 33.78 10.15
C GLU A 212 4.47 33.01 11.46
N LEU A 213 3.82 31.84 11.50
CA LEU A 213 3.88 31.02 12.71
C LEU A 213 5.30 30.61 13.03
N ARG A 214 6.05 30.16 12.03
CA ARG A 214 7.44 29.78 12.26
C ARG A 214 8.25 30.95 12.79
N GLN A 215 8.10 32.12 12.15
CA GLN A 215 8.90 33.26 12.55
C GLN A 215 8.56 33.71 13.97
N ARG A 216 7.27 33.74 14.30
CA ARG A 216 6.89 34.13 15.66
C ARG A 216 7.45 33.14 16.68
N LEU A 217 7.36 31.83 16.39
CA LEU A 217 7.89 30.85 17.31
C LEU A 217 9.39 31.03 17.52
N MET A 218 10.13 31.28 16.44
CA MET A 218 11.57 31.40 16.58
C MET A 218 12.00 32.76 17.13
N ASN A 219 11.12 33.76 17.14
CA ASN A 219 11.48 35.08 17.63
C ASN A 219 11.08 35.32 19.08
N LYS A 220 9.85 34.97 19.45
CA LYS A 220 9.44 35.12 20.84
C LYS A 220 10.26 34.22 21.75
N GLU A 221 10.51 32.99 21.32
CA GLU A 221 11.42 32.08 21.99
C GLU A 221 12.64 31.88 21.11
N LYS A 222 13.83 32.14 21.66
CA LYS A 222 15.05 32.11 20.87
C LYS A 222 16.02 31.01 21.28
N ASP A 223 16.00 30.59 22.55
CA ASP A 223 16.95 29.62 23.06
C ASP A 223 16.33 28.26 23.31
N ARG A 224 15.28 27.91 22.58
CA ARG A 224 14.58 26.66 22.81
C ARG A 224 14.15 26.00 21.51
N PHE A 225 14.54 26.54 20.37
CA PHE A 225 14.28 25.95 19.07
C PHE A 225 15.53 26.07 18.23
N ALA A 226 15.54 25.41 17.08
CA ALA A 226 16.72 25.44 16.23
C ALA A 226 16.28 25.21 14.79
N SER A 227 17.22 24.83 13.93
CA SER A 227 16.93 24.54 12.54
C SER A 227 17.94 23.53 12.03
N ALA A 228 17.80 23.13 10.78
CA ALA A 228 18.69 22.16 10.15
C ALA A 228 19.40 22.85 8.98
N VAL A 229 20.72 22.91 9.05
CA VAL A 229 21.49 23.58 8.01
C VAL A 229 21.52 22.71 6.75
N PRO A 230 21.24 23.27 5.59
CA PRO A 230 21.15 22.44 4.37
C PRO A 230 22.45 22.29 3.62
N HIS A 231 22.44 21.50 2.54
CA HIS A 231 23.58 21.36 1.63
C HIS A 231 23.37 22.24 0.41
N THR A 232 24.48 22.75 -0.13
CA THR A 232 24.42 23.64 -1.28
C THR A 232 25.66 23.49 -2.14
N THR A 233 25.44 23.48 -3.46
CA THR A 233 26.52 23.37 -4.44
C THR A 233 26.77 24.68 -5.17
N ARG A 234 26.63 25.80 -4.47
CA ARG A 234 26.87 27.11 -5.02
C ARG A 234 28.32 27.53 -4.72
N SER A 235 28.61 28.81 -4.90
CA SER A 235 29.92 29.37 -4.57
C SER A 235 29.88 29.98 -3.18
N ARG A 236 31.02 29.92 -2.49
CA ARG A 236 31.12 30.40 -1.12
C ARG A 236 31.28 31.92 -1.14
N ARG A 237 30.19 32.64 -0.87
CA ARG A 237 30.28 34.07 -0.74
C ARG A 237 30.99 34.45 0.55
N ASP A 238 31.39 35.72 0.65
CA ASP A 238 32.15 36.19 1.81
C ASP A 238 31.24 36.74 2.91
N GLN A 239 30.23 35.95 3.27
CA GLN A 239 29.35 36.28 4.39
C GLN A 239 28.99 35.08 5.26
N GLU A 240 29.33 33.86 4.83
CA GLU A 240 28.85 32.62 5.46
C GLU A 240 30.03 31.65 5.45
N VAL A 241 30.50 31.25 6.63
CA VAL A 241 31.89 30.81 6.67
C VAL A 241 32.08 29.32 6.41
N ALA A 242 31.78 28.47 7.40
CA ALA A 242 32.09 27.06 7.22
C ALA A 242 30.92 26.13 7.48
N GLY A 243 30.37 26.22 8.69
CA GLY A 243 29.32 25.35 9.15
C GLY A 243 28.35 26.12 10.01
N ARG A 244 28.38 27.44 9.84
CA ARG A 244 27.45 28.33 10.50
C ARG A 244 26.17 28.53 9.70
N ASP A 245 26.23 28.39 8.38
CA ASP A 245 25.03 28.59 7.58
C ASP A 245 24.86 27.60 6.43
N TYR A 246 25.87 26.84 6.04
CA TYR A 246 25.73 25.88 4.95
C TYR A 246 26.78 24.80 5.11
N HIS A 247 26.81 23.87 4.15
CA HIS A 247 27.72 22.74 4.16
C HIS A 247 28.35 22.54 2.78
N PHE A 248 28.88 23.62 2.21
CA PHE A 248 29.39 23.65 0.83
C PHE A 248 30.14 22.37 0.49
N VAL A 249 29.77 21.75 -0.63
CA VAL A 249 30.41 20.52 -1.11
C VAL A 249 30.53 20.59 -2.63
N SER A 250 31.15 19.56 -3.20
CA SER A 250 31.31 19.41 -4.64
C SER A 250 30.19 18.55 -5.20
N ARG A 251 29.75 18.89 -6.42
CA ARG A 251 28.51 18.32 -6.95
C ARG A 251 28.55 16.79 -6.99
N GLN A 252 29.72 16.22 -7.29
CA GLN A 252 29.82 14.77 -7.35
C GLN A 252 29.33 14.11 -6.07
N ALA A 253 29.76 14.64 -4.92
CA ALA A 253 29.28 14.12 -3.66
C ALA A 253 27.77 14.27 -3.54
N PHE A 254 27.22 15.34 -4.13
CA PHE A 254 25.79 15.57 -4.03
C PHE A 254 25.00 14.49 -4.76
N GLU A 255 25.39 14.19 -6.02
CA GLU A 255 24.68 13.12 -6.72
C GLU A 255 24.95 11.76 -6.08
N ALA A 256 26.15 11.57 -5.51
CA ALA A 256 26.42 10.32 -4.81
C ALA A 256 25.47 10.14 -3.64
N ASP A 257 25.25 11.21 -2.87
CA ASP A 257 24.32 11.13 -1.75
C ASP A 257 22.88 10.91 -2.23
N ILE A 258 22.48 11.59 -3.31
CA ILE A 258 21.14 11.35 -3.84
C ILE A 258 20.96 9.89 -4.18
N ALA A 259 21.98 9.28 -4.80
CA ALA A 259 21.90 7.86 -5.10
C ALA A 259 21.80 7.03 -3.82
N ALA A 260 22.58 7.38 -2.80
CA ALA A 260 22.54 6.63 -1.55
C ALA A 260 21.19 6.78 -0.84
N GLY A 261 20.60 7.97 -0.89
CA GLY A 261 19.29 8.19 -0.29
C GLY A 261 19.33 8.78 1.09
N LYS A 262 20.12 9.84 1.27
CA LYS A 262 20.29 10.49 2.55
C LYS A 262 19.51 11.78 2.67
N PHE A 263 18.63 12.09 1.72
CA PHE A 263 18.02 13.41 1.64
C PHE A 263 16.53 13.31 1.88
N ILE A 264 16.03 14.08 2.85
CA ILE A 264 14.60 14.17 3.11
C ILE A 264 13.90 14.83 1.94
N GLU A 265 14.42 15.97 1.49
CA GLU A 265 13.85 16.72 0.38
C GLU A 265 14.98 17.40 -0.37
N HIS A 266 14.91 17.39 -1.69
CA HIS A 266 15.95 18.03 -2.48
C HIS A 266 15.39 18.54 -3.79
N GLY A 267 15.76 19.76 -4.15
CA GLY A 267 15.25 20.37 -5.36
C GLY A 267 16.20 21.38 -5.98
N GLU A 268 16.43 21.25 -7.28
CA GLU A 268 17.30 22.17 -8.00
C GLU A 268 16.72 23.58 -7.96
N PHE A 269 17.61 24.57 -7.91
CA PHE A 269 17.20 25.96 -8.05
C PHE A 269 18.40 26.78 -8.48
N GLU A 270 18.21 27.59 -9.53
CA GLU A 270 19.23 28.50 -10.05
C GLU A 270 20.55 27.76 -10.30
N LYS A 271 20.44 26.70 -11.11
CA LYS A 271 21.60 25.98 -11.62
C LYS A 271 22.42 25.34 -10.51
N ASN A 272 21.95 25.42 -9.27
CA ASN A 272 22.61 24.79 -8.14
C ASN A 272 21.64 23.81 -7.48
N LEU A 273 22.12 23.14 -6.45
CA LEU A 273 21.32 22.13 -5.77
C LEU A 273 21.25 22.44 -4.28
N TYR A 274 20.06 22.24 -3.70
CA TYR A 274 19.81 22.37 -2.28
C TYR A 274 19.29 21.04 -1.75
N GLY A 275 18.94 21.03 -0.47
CA GLY A 275 18.36 19.84 0.11
C GLY A 275 18.32 19.94 1.63
N THR A 276 18.22 18.79 2.27
CA THR A 276 18.33 18.70 3.72
C THR A 276 18.73 17.27 4.05
N SER A 277 19.71 17.11 4.92
CA SER A 277 20.29 15.78 5.15
C SER A 277 19.47 15.04 6.18
N ILE A 278 19.98 13.88 6.60
CA ILE A 278 19.47 13.21 7.78
C ILE A 278 20.46 13.23 8.93
N ASP A 279 21.76 13.37 8.64
CA ASP A 279 22.72 13.51 9.73
C ASP A 279 22.57 14.85 10.45
N SER A 280 22.28 15.92 9.72
CA SER A 280 22.16 17.23 10.36
C SER A 280 21.00 17.26 11.35
N VAL A 281 19.88 16.63 10.98
CA VAL A 281 18.76 16.55 11.91
C VAL A 281 19.19 15.81 13.16
N ARG A 282 20.03 14.77 13.01
CA ARG A 282 20.53 14.08 14.19
C ARG A 282 21.46 14.97 15.01
N GLN A 283 22.28 15.79 14.36
CA GLN A 283 23.15 16.69 15.11
C GLN A 283 22.32 17.66 15.95
N VAL A 284 21.26 18.21 15.37
CA VAL A 284 20.41 19.12 16.13
C VAL A 284 19.65 18.40 17.24
N ILE A 285 19.06 17.24 16.95
CA ILE A 285 18.26 16.52 17.94
C ILE A 285 19.13 15.89 19.02
N ASN A 286 20.44 15.85 18.82
CA ASN A 286 21.33 15.11 19.71
C ASN A 286 21.93 15.98 20.80
N SER A 287 21.44 17.21 20.97
CA SER A 287 22.05 18.09 21.96
C SER A 287 21.04 18.76 22.88
N GLY A 288 19.76 18.44 22.75
CA GLY A 288 18.76 18.99 23.65
C GLY A 288 17.93 20.13 23.11
N LYS A 289 17.59 20.12 21.82
CA LYS A 289 16.74 21.15 21.25
C LYS A 289 15.61 20.51 20.45
N ILE A 290 14.59 21.32 20.16
CA ILE A 290 13.45 20.89 19.36
C ILE A 290 13.69 21.36 17.94
N CYS A 291 13.88 20.44 17.01
CA CYS A 291 14.02 20.84 15.64
C CYS A 291 12.67 21.28 15.08
N LEU A 292 12.71 22.19 14.11
CA LEU A 292 11.52 22.62 13.38
C LEU A 292 11.80 22.50 11.89
N LEU A 293 10.76 22.25 11.12
CA LEU A 293 10.95 22.01 9.71
C LEU A 293 9.70 22.48 8.96
N SER A 294 9.66 22.18 7.67
CA SER A 294 8.48 22.36 6.85
C SER A 294 8.68 21.50 5.62
N LEU A 295 7.63 20.84 5.17
CA LEU A 295 7.78 19.85 4.13
C LEU A 295 6.67 19.98 3.11
N ARG A 296 6.95 19.43 1.93
CA ARG A 296 5.94 19.14 0.93
C ARG A 296 5.37 17.75 1.21
N THR A 297 4.18 17.50 0.69
CA THR A 297 3.52 16.24 1.01
C THR A 297 4.21 15.02 0.43
N GLN A 298 5.17 15.20 -0.47
CA GLN A 298 5.83 14.05 -1.09
C GLN A 298 6.67 13.26 -0.10
N SER A 299 7.44 13.96 0.73
CA SER A 299 8.61 13.39 1.38
C SER A 299 8.30 12.46 2.55
N LEU A 300 7.06 12.44 3.03
CA LEU A 300 6.75 11.71 4.26
C LEU A 300 7.18 10.25 4.17
N LYS A 301 7.05 9.64 2.99
CA LYS A 301 7.39 8.22 2.85
C LYS A 301 8.84 7.96 3.23
N THR A 302 9.74 8.88 2.87
CA THR A 302 11.14 8.69 3.23
C THR A 302 11.36 8.94 4.71
N LEU A 303 10.58 9.84 5.31
CA LEU A 303 10.85 10.24 6.68
C LEU A 303 10.45 9.16 7.67
N ARG A 304 9.30 8.53 7.46
CA ARG A 304 8.78 7.58 8.44
C ARG A 304 9.70 6.37 8.59
N ASN A 305 10.22 5.85 7.46
CA ASN A 305 11.00 4.63 7.52
C ASN A 305 12.26 4.79 8.34
N SER A 306 12.78 6.01 8.45
CA SER A 306 13.94 6.24 9.30
C SER A 306 13.51 6.22 10.76
N ASP A 307 14.46 6.52 11.65
CA ASP A 307 14.22 6.41 13.08
C ASP A 307 14.18 7.76 13.78
N LEU A 308 13.88 8.83 13.07
CA LEU A 308 13.84 10.14 13.71
C LEU A 308 12.71 10.23 14.73
N LYS A 309 11.63 9.51 14.51
CA LYS A 309 10.41 9.55 15.31
C LYS A 309 9.73 10.91 15.23
N PRO A 310 9.26 11.34 14.06
CA PRO A 310 8.69 12.69 13.96
C PRO A 310 7.32 12.83 14.60
N TYR A 311 6.66 13.97 14.39
CA TYR A 311 5.39 14.28 15.01
C TYR A 311 4.69 15.31 14.11
N ILE A 312 3.82 14.85 13.24
CA ILE A 312 3.39 15.64 12.10
C ILE A 312 2.10 16.38 12.44
N ILE A 313 2.04 17.67 12.11
CA ILE A 313 0.92 18.53 12.46
C ILE A 313 0.39 19.18 11.19
N PHE A 314 -0.93 19.14 11.01
CA PHE A 314 -1.58 19.64 9.80
C PHE A 314 -2.30 20.93 10.10
N ILE A 315 -1.91 22.00 9.39
CA ILE A 315 -2.53 23.32 9.58
C ILE A 315 -3.47 23.62 8.42
N ALA A 316 -4.75 23.81 8.72
CA ALA A 316 -5.75 23.91 7.66
C ALA A 316 -6.58 25.18 7.81
N PRO A 317 -7.12 25.70 6.71
CA PRO A 317 -7.95 26.90 6.79
C PRO A 317 -9.40 26.55 7.04
N PRO A 318 -10.19 27.51 7.55
CA PRO A 318 -11.62 27.27 7.74
C PRO A 318 -12.42 27.53 6.47
N SER A 319 -13.74 27.52 6.57
CA SER A 319 -14.61 27.61 5.41
C SER A 319 -14.42 28.92 4.64
N GLN A 320 -15.05 28.99 3.47
CA GLN A 320 -14.81 30.09 2.54
C GLN A 320 -15.23 31.43 3.12
N GLU A 321 -16.37 31.47 3.81
CA GLU A 321 -16.90 32.74 4.28
C GLU A 321 -15.96 33.40 5.27
N ARG A 322 -15.58 32.66 6.32
CA ARG A 322 -14.72 33.27 7.33
C ARG A 322 -13.34 33.54 6.78
N LEU A 323 -12.88 32.76 5.81
CA LEU A 323 -11.56 33.01 5.24
C LEU A 323 -11.55 34.29 4.42
N ARG A 324 -12.57 34.47 3.57
CA ARG A 324 -12.69 35.73 2.84
C ARG A 324 -12.85 36.89 3.81
N ALA A 325 -13.46 36.65 4.96
CA ALA A 325 -13.49 37.66 6.01
C ALA A 325 -12.07 37.98 6.50
N LEU A 326 -11.26 36.94 6.73
CA LEU A 326 -9.89 37.15 7.14
C LEU A 326 -9.08 37.82 6.05
N LEU A 327 -9.29 37.42 4.80
CA LEU A 327 -8.63 38.05 3.67
C LEU A 327 -9.58 38.15 2.48
N GLU A 338 -12.69 33.03 -6.93
CA GLU A 338 -12.19 31.82 -7.54
C GLU A 338 -11.04 31.20 -6.74
N LEU A 339 -10.06 32.04 -6.37
CA LEU A 339 -8.88 31.55 -5.67
C LEU A 339 -9.24 30.92 -4.33
N ARG A 340 -10.27 31.43 -3.66
CA ARG A 340 -10.72 30.78 -2.42
C ARG A 340 -11.19 29.37 -2.69
N GLU A 341 -11.95 29.18 -3.76
CA GLU A 341 -12.49 27.86 -4.07
C GLU A 341 -11.37 26.86 -4.35
N ILE A 342 -10.36 27.28 -5.14
CA ILE A 342 -9.28 26.35 -5.48
C ILE A 342 -8.46 26.03 -4.24
N ILE A 343 -8.29 26.99 -3.34
CA ILE A 343 -7.55 26.71 -2.11
C ILE A 343 -8.31 25.73 -1.24
N GLU A 344 -9.63 25.89 -1.14
CA GLU A 344 -10.42 24.90 -0.42
C GLU A 344 -10.30 23.53 -1.06
N LYS A 345 -10.31 23.48 -2.40
CA LYS A 345 -10.18 22.21 -3.10
C LYS A 345 -8.85 21.55 -2.81
N THR A 346 -7.74 22.30 -2.95
CA THR A 346 -6.43 21.74 -2.68
C THR A 346 -6.32 21.28 -1.24
N ARG A 347 -6.95 22.00 -0.31
CA ARG A 347 -7.02 21.53 1.06
C ARG A 347 -7.69 20.18 1.09
N GLU A 348 -8.74 20.00 0.29
CA GLU A 348 -9.47 18.74 0.32
C GLU A 348 -8.60 17.58 -0.15
N MET A 349 -7.71 17.83 -1.12
CA MET A 349 -6.92 16.75 -1.70
C MET A 349 -5.89 16.20 -0.71
N GLU A 350 -5.30 17.05 0.12
CA GLU A 350 -4.25 16.57 1.00
C GLU A 350 -4.81 15.72 2.12
N GLN A 351 -6.09 15.85 2.41
CA GLN A 351 -6.77 14.83 3.18
C GLN A 351 -7.36 13.81 2.22
N ASN A 352 -7.90 12.71 2.76
CA ASN A 352 -8.52 11.63 2.00
C ASN A 352 -7.47 10.80 1.28
N ASN A 353 -6.21 11.25 1.31
CA ASN A 353 -5.09 10.36 1.01
C ASN A 353 -3.87 10.71 1.87
N GLY A 354 -4.10 11.36 3.01
CA GLY A 354 -3.09 11.52 4.03
C GLY A 354 -3.70 11.16 5.38
N HIS A 355 -3.17 10.13 6.02
CA HIS A 355 -3.64 9.68 7.32
C HIS A 355 -2.51 9.57 8.32
N TYR A 356 -1.32 10.04 7.98
CA TYR A 356 -0.19 9.95 8.89
C TYR A 356 -0.39 10.85 10.10
N PHE A 357 -0.73 12.11 9.89
CA PHE A 357 -0.50 13.10 10.92
C PHE A 357 -1.42 12.92 12.11
N ASP A 358 -1.05 13.58 13.20
CA ASP A 358 -1.56 13.28 14.53
C ASP A 358 -2.39 14.39 15.14
N THR A 359 -2.62 15.49 14.43
CA THR A 359 -3.46 16.56 14.95
C THR A 359 -3.74 17.53 13.82
N ALA A 360 -4.89 18.16 13.87
CA ALA A 360 -5.27 19.19 12.91
C ALA A 360 -5.55 20.49 13.64
N ILE A 361 -4.96 21.58 13.17
CA ILE A 361 -5.20 22.90 13.72
C ILE A 361 -6.00 23.70 12.70
N VAL A 362 -7.18 24.13 13.11
CA VAL A 362 -8.03 24.96 12.26
C VAL A 362 -7.59 26.41 12.44
N ASN A 363 -7.05 26.99 11.38
CA ASN A 363 -6.58 28.36 11.46
C ASN A 363 -7.74 29.30 11.75
N SER A 364 -7.48 30.28 12.60
CA SER A 364 -8.49 31.22 13.09
C SER A 364 -7.76 32.53 13.38
N ASP A 365 -8.34 33.35 14.25
CA ASP A 365 -7.60 34.43 14.87
C ASP A 365 -6.18 33.97 15.20
N LEU A 366 -5.19 34.65 14.62
CA LEU A 366 -3.83 34.12 14.65
C LEU A 366 -3.35 33.89 16.07
N ASP A 367 -3.50 34.90 16.93
CA ASP A 367 -3.04 34.73 18.29
C ASP A 367 -4.09 34.01 19.11
N LYS A 368 -4.63 32.96 18.53
CA LYS A 368 -5.25 31.84 19.20
C LYS A 368 -4.71 30.51 18.66
N ALA A 369 -4.47 30.43 17.36
CA ALA A 369 -3.77 29.27 16.82
C ALA A 369 -2.37 29.16 17.39
N TYR A 370 -1.70 30.30 17.56
CA TYR A 370 -0.35 30.25 18.14
C TYR A 370 -0.40 29.71 19.57
N GLN A 371 -1.38 30.14 20.36
CA GLN A 371 -1.52 29.60 21.69
C GLN A 371 -1.82 28.11 21.65
N GLU A 372 -2.63 27.68 20.69
CA GLU A 372 -2.93 26.26 20.55
C GLU A 372 -1.65 25.47 20.24
N LEU A 373 -0.81 26.01 19.37
CA LEU A 373 0.43 25.32 19.01
C LEU A 373 1.34 25.17 20.21
N LEU A 374 1.50 26.23 21.01
CA LEU A 374 2.32 26.11 22.21
C LEU A 374 1.71 25.12 23.20
N ARG A 375 0.38 25.09 23.31
CA ARG A 375 -0.24 24.12 24.19
C ARG A 375 0.10 22.70 23.76
N LEU A 376 -0.03 22.42 22.46
CA LEU A 376 0.29 21.09 21.95
C LEU A 376 1.74 20.72 22.25
N ILE A 377 2.67 21.59 21.90
CA ILE A 377 4.08 21.23 22.07
C ILE A 377 4.44 21.03 23.53
N ASN A 378 3.97 21.90 24.43
CA ASN A 378 4.22 21.64 25.84
C ASN A 378 3.53 20.40 26.35
N LYS A 379 2.47 19.93 25.68
CA LYS A 379 1.79 18.75 26.18
C LYS A 379 2.67 17.51 26.20
N LEU A 380 3.62 17.40 25.26
CA LEU A 380 4.35 16.15 25.08
C LEU A 380 5.16 15.79 26.32
N ASP A 381 5.61 16.77 27.10
CA ASP A 381 6.54 16.46 28.16
C ASP A 381 5.91 15.68 29.31
N THR A 382 4.60 15.84 29.53
CA THR A 382 3.97 15.25 30.70
C THR A 382 2.86 14.25 30.34
N GLU A 383 2.89 13.67 29.15
CA GLU A 383 1.83 12.76 28.72
C GLU A 383 2.34 11.82 27.64
N PRO A 384 2.46 10.53 27.93
CA PRO A 384 3.00 9.61 26.93
C PRO A 384 2.11 9.51 25.71
N GLN A 385 2.66 8.93 24.63
CA GLN A 385 1.94 8.90 23.37
C GLN A 385 1.99 7.54 22.69
N TRP A 386 1.38 7.43 21.51
CA TRP A 386 1.20 6.17 20.80
C TRP A 386 2.04 6.16 19.54
N VAL A 387 2.91 5.16 19.40
CA VAL A 387 3.68 5.04 18.17
C VAL A 387 3.58 3.61 17.64
N PRO A 388 3.66 3.40 16.32
CA PRO A 388 3.64 2.04 15.79
C PRO A 388 4.80 1.24 16.35
N SER A 389 4.53 -0.02 16.69
CA SER A 389 5.48 -0.79 17.44
C SER A 389 6.75 -1.11 16.65
N THR A 390 6.76 -0.87 15.34
CA THR A 390 7.96 -1.13 14.57
C THR A 390 9.12 -0.26 15.03
N TRP A 391 8.86 1.03 15.30
CA TRP A 391 9.92 1.98 15.62
C TRP A 391 10.67 1.64 16.91
N LEU A 392 10.30 0.58 17.62
CA LEU A 392 11.02 0.24 18.83
C LEU A 392 11.74 -1.10 18.76
N ARG A 393 11.37 -1.98 17.83
CA ARG A 393 12.04 -3.27 17.70
C ARG A 393 13.31 -3.14 16.85
N THR B 114 -1.89 -11.39 28.73
CA THR B 114 -1.22 -10.45 27.84
C THR B 114 -2.21 -9.75 26.93
N VAL B 115 -2.12 -8.43 26.86
CA VAL B 115 -3.02 -7.62 26.06
C VAL B 115 -2.26 -7.12 24.84
N ILE B 116 -3.00 -6.79 23.79
CA ILE B 116 -2.41 -6.25 22.57
C ILE B 116 -3.19 -5.03 22.14
N HIS B 117 -2.49 -3.95 21.83
CA HIS B 117 -3.13 -2.73 21.36
C HIS B 117 -3.03 -2.65 19.84
N VAL B 118 -4.16 -2.34 19.19
CA VAL B 118 -4.20 -2.19 17.74
C VAL B 118 -4.99 -0.95 17.38
N LYS B 119 -4.86 -0.52 16.13
CA LYS B 119 -5.46 0.72 15.66
C LYS B 119 -6.21 0.45 14.37
N ALA B 120 -7.51 0.66 14.38
CA ALA B 120 -8.35 0.25 13.25
C ALA B 120 -8.05 1.10 12.02
N HIS B 121 -8.59 0.67 10.89
CA HIS B 121 -8.50 1.45 9.66
C HIS B 121 -9.72 1.32 8.76
N PHE B 122 -10.76 0.62 9.17
CA PHE B 122 -11.91 0.39 8.30
C PHE B 122 -13.18 0.57 9.11
N ASP B 123 -14.05 1.46 8.65
CA ASP B 123 -15.33 1.66 9.32
C ASP B 123 -16.15 0.39 9.26
N TYR B 124 -16.91 0.13 10.32
CA TYR B 124 -17.67 -1.10 10.41
C TYR B 124 -18.76 -0.94 11.45
N ASP B 125 -20.01 -1.14 11.05
CA ASP B 125 -21.16 -1.05 11.93
C ASP B 125 -21.95 -2.34 11.96
N PRO B 126 -22.05 -3.00 13.10
CA PRO B 126 -22.62 -4.35 13.14
C PRO B 126 -24.14 -4.37 13.06
N SER B 127 -24.74 -3.27 12.58
CA SER B 127 -26.19 -3.23 12.45
C SER B 127 -26.70 -4.41 11.64
N ASP B 128 -25.97 -4.80 10.60
CA ASP B 128 -26.34 -5.98 9.81
C ASP B 128 -25.10 -6.61 9.21
N ASP B 129 -24.71 -7.76 9.74
CA ASP B 129 -23.72 -8.65 9.15
C ASP B 129 -24.01 -10.05 9.64
N PRO B 130 -24.51 -10.93 8.76
CA PRO B 130 -25.21 -12.14 9.21
C PRO B 130 -24.34 -13.22 9.81
N TYR B 131 -23.03 -13.01 9.95
CA TYR B 131 -22.15 -14.06 10.46
C TYR B 131 -21.82 -13.88 11.93
N VAL B 132 -22.37 -12.87 12.61
CA VAL B 132 -22.16 -12.69 14.03
C VAL B 132 -23.08 -13.65 14.77
N PRO B 133 -22.56 -14.60 15.53
CA PRO B 133 -23.44 -15.61 16.13
C PRO B 133 -24.06 -15.17 17.45
N CYS B 134 -24.45 -13.90 17.55
CA CYS B 134 -25.37 -13.48 18.60
C CYS B 134 -26.34 -12.39 18.16
N ARG B 135 -26.05 -11.67 17.08
CA ARG B 135 -26.89 -10.63 16.48
C ARG B 135 -26.93 -9.36 17.34
N GLU B 136 -26.46 -9.42 18.59
CA GLU B 136 -26.26 -8.21 19.38
C GLU B 136 -25.10 -8.44 20.36
N LEU B 137 -23.87 -8.20 19.88
CA LEU B 137 -22.75 -7.92 20.76
C LEU B 137 -21.78 -6.95 20.11
N GLY B 138 -22.27 -6.12 19.18
CA GLY B 138 -21.39 -5.31 18.37
C GLY B 138 -20.65 -4.27 19.19
N LEU B 139 -19.53 -3.83 18.62
CA LEU B 139 -18.63 -2.89 19.29
C LEU B 139 -18.26 -1.79 18.30
N SER B 140 -19.28 -1.23 17.65
CA SER B 140 -19.08 -0.34 16.50
C SER B 140 -18.06 0.75 16.80
N PHE B 141 -17.27 1.10 15.80
CA PHE B 141 -16.22 2.09 15.96
C PHE B 141 -15.98 2.80 14.64
N GLN B 142 -15.38 3.98 14.71
CA GLN B 142 -15.06 4.76 13.54
C GLN B 142 -13.62 4.53 13.13
N LYS B 143 -13.27 5.04 11.95
CA LYS B 143 -11.89 4.97 11.50
C LYS B 143 -11.00 5.80 12.41
N GLY B 144 -9.85 5.24 12.77
CA GLY B 144 -8.88 5.95 13.58
C GLY B 144 -8.98 5.73 15.07
N ASP B 145 -9.83 4.82 15.52
CA ASP B 145 -9.98 4.56 16.94
C ASP B 145 -8.78 3.75 17.44
N ILE B 146 -8.84 3.30 18.69
CA ILE B 146 -7.82 2.42 19.26
C ILE B 146 -8.53 1.32 20.04
N LEU B 147 -8.14 0.08 19.81
CA LEU B 147 -8.74 -1.05 20.50
C LEU B 147 -7.80 -1.58 21.56
N HIS B 148 -8.35 -2.41 22.44
CA HIS B 148 -7.60 -2.98 23.55
C HIS B 148 -7.92 -4.47 23.55
N VAL B 149 -7.24 -5.22 22.69
CA VAL B 149 -7.59 -6.61 22.44
C VAL B 149 -7.10 -7.46 23.61
N ILE B 150 -8.03 -8.22 24.20
CA ILE B 150 -7.76 -9.00 25.40
C ILE B 150 -7.67 -10.49 25.10
N SER B 151 -8.47 -10.98 24.14
CA SER B 151 -8.54 -12.40 23.83
C SER B 151 -8.53 -12.61 22.33
N GLN B 152 -7.47 -13.22 21.82
CA GLN B 152 -7.30 -13.43 20.39
C GLN B 152 -7.27 -14.90 20.00
N GLU B 153 -7.30 -15.83 20.95
CA GLU B 153 -7.16 -17.24 20.62
C GLU B 153 -8.28 -17.72 19.70
N ASP B 154 -9.43 -17.07 19.76
CA ASP B 154 -10.51 -17.37 18.83
C ASP B 154 -10.04 -17.03 17.42
N PRO B 155 -10.13 -17.96 16.46
CA PRO B 155 -9.66 -17.64 15.10
C PRO B 155 -10.36 -16.45 14.50
N ASN B 156 -11.63 -16.25 14.82
CA ASN B 156 -12.36 -15.06 14.45
C ASN B 156 -13.00 -14.48 15.70
N TRP B 157 -13.51 -13.26 15.59
CA TRP B 157 -14.28 -12.62 16.66
C TRP B 157 -13.43 -12.46 17.94
N TRP B 158 -12.43 -11.60 17.83
CA TRP B 158 -11.64 -11.24 18.99
C TRP B 158 -12.51 -10.56 20.05
N GLN B 159 -12.00 -10.54 21.29
CA GLN B 159 -12.66 -9.88 22.40
C GLN B 159 -11.97 -8.56 22.67
N ALA B 160 -12.73 -7.46 22.69
CA ALA B 160 -12.15 -6.13 22.61
C ALA B 160 -12.82 -5.15 23.55
N TYR B 161 -12.00 -4.27 24.15
CA TYR B 161 -12.44 -3.05 24.81
C TYR B 161 -12.66 -1.98 23.76
N ARG B 162 -12.89 -0.76 24.21
CA ARG B 162 -12.59 0.41 23.40
C ARG B 162 -11.71 1.35 24.21
N GLU B 163 -10.98 2.25 23.56
CA GLU B 163 -10.28 3.30 24.27
C GLU B 163 -11.10 4.57 24.18
N GLY B 164 -11.50 5.08 25.34
CA GLY B 164 -12.44 6.17 25.36
C GLY B 164 -13.57 5.91 26.34
N ASP B 165 -14.74 6.47 26.00
CA ASP B 165 -15.90 6.53 26.89
C ASP B 165 -16.26 5.12 27.36
N GLU B 166 -16.05 4.08 26.54
CA GLU B 166 -16.53 2.75 26.92
C GLU B 166 -15.64 2.12 27.98
N ASP B 167 -14.55 2.79 28.35
CA ASP B 167 -13.54 2.22 29.27
C ASP B 167 -14.21 1.98 30.62
N ASN B 168 -15.08 2.86 31.10
CA ASN B 168 -15.66 2.79 32.45
C ASN B 168 -16.34 1.43 32.62
N GLN B 169 -17.23 1.03 31.73
CA GLN B 169 -17.85 -0.28 31.84
C GLN B 169 -16.97 -1.34 31.18
N PRO B 170 -17.01 -2.58 31.68
CA PRO B 170 -16.32 -3.67 30.97
C PRO B 170 -16.97 -3.92 29.63
N LEU B 171 -16.14 -4.00 28.59
CA LEU B 171 -16.68 -4.12 27.24
C LEU B 171 -17.02 -5.57 26.89
N ALA B 172 -16.01 -6.43 26.81
CA ALA B 172 -16.19 -7.84 26.44
C ALA B 172 -17.05 -8.01 25.19
N GLY B 173 -16.72 -7.31 24.12
CA GLY B 173 -17.48 -7.41 22.90
C GLY B 173 -16.74 -8.27 21.90
N LEU B 174 -17.34 -8.37 20.71
CA LEU B 174 -16.78 -9.17 19.62
C LEU B 174 -16.56 -8.29 18.40
N VAL B 175 -15.40 -8.44 17.77
CA VAL B 175 -14.99 -7.62 16.64
C VAL B 175 -14.46 -8.53 15.53
N PRO B 176 -14.74 -8.24 14.26
CA PRO B 176 -14.31 -9.14 13.19
C PRO B 176 -12.80 -9.32 13.19
N GLY B 177 -12.37 -10.54 12.89
CA GLY B 177 -10.96 -10.88 12.92
C GLY B 177 -10.29 -10.87 11.56
N LYS B 178 -10.63 -9.88 10.73
CA LYS B 178 -10.07 -9.81 9.39
C LYS B 178 -8.62 -9.37 9.46
N GLU B 179 -7.71 -10.32 9.59
CA GLU B 179 -6.30 -10.01 9.78
C GLU B 179 -5.78 -9.17 8.61
N GLU B 180 -4.60 -8.59 8.82
CA GLU B 180 -3.99 -7.61 7.93
C GLU B 180 -4.01 -8.07 6.48
N ILE B 181 -4.65 -7.27 5.64
CA ILE B 181 -4.55 -7.38 4.19
C ILE B 181 -4.24 -6.00 3.65
N LEU B 182 -3.73 -5.96 2.43
CA LEU B 182 -3.06 -4.77 1.94
C LEU B 182 -4.02 -3.91 1.13
N THR B 183 -3.47 -2.95 0.37
CA THR B 183 -4.17 -2.42 -0.80
C THR B 183 -3.37 -2.60 -2.09
N TYR B 184 -2.09 -2.30 -2.10
CA TYR B 184 -1.24 -2.61 -3.25
C TYR B 184 -0.06 -3.44 -2.79
N GLU B 185 0.38 -4.36 -3.64
CA GLU B 185 1.49 -5.24 -3.30
C GLU B 185 2.42 -5.37 -4.50
N GLU B 186 3.67 -5.73 -4.22
CA GLU B 186 4.70 -5.86 -5.24
C GLU B 186 4.90 -7.33 -5.60
N MET B 187 4.67 -7.68 -6.85
CA MET B 187 4.82 -9.07 -7.30
C MET B 187 6.01 -9.22 -8.21
N SER B 188 6.26 -10.47 -8.62
CA SER B 188 7.38 -10.79 -9.50
C SER B 188 7.11 -12.10 -10.20
N LEU B 189 7.66 -12.24 -11.41
CA LEU B 189 7.61 -13.49 -12.13
C LEU B 189 8.56 -14.50 -11.50
N TYR B 190 8.27 -15.78 -11.74
CA TYR B 190 9.12 -16.82 -11.15
C TYR B 190 9.01 -18.08 -11.98
N HIS B 191 10.16 -18.62 -12.39
CA HIS B 191 10.23 -19.94 -13.01
C HIS B 191 10.56 -20.97 -11.95
N GLN B 192 9.90 -22.12 -12.03
CA GLN B 192 10.25 -23.21 -11.14
C GLN B 192 11.64 -23.72 -11.48
N PRO B 193 12.46 -24.07 -10.49
CA PRO B 193 13.73 -24.71 -10.79
C PRO B 193 13.51 -26.11 -11.34
N ALA B 194 14.59 -26.85 -11.58
CA ALA B 194 14.48 -28.20 -12.10
C ALA B 194 14.72 -29.27 -11.05
N ASN B 195 15.28 -28.92 -9.89
CA ASN B 195 15.58 -29.90 -8.85
C ASN B 195 15.03 -29.55 -7.48
N ARG B 196 14.44 -28.37 -7.27
CA ARG B 196 13.89 -27.96 -5.98
C ARG B 196 12.46 -27.49 -6.22
N LYS B 197 11.52 -28.41 -6.24
CA LYS B 197 10.15 -28.09 -6.63
C LYS B 197 9.35 -27.57 -5.44
N ARG B 198 8.32 -26.78 -5.74
CA ARG B 198 7.48 -26.21 -4.70
C ARG B 198 6.60 -27.29 -4.08
N PRO B 199 6.20 -27.12 -2.83
CA PRO B 199 5.31 -28.09 -2.18
C PRO B 199 3.87 -27.85 -2.64
N ILE B 200 2.97 -28.71 -2.19
CA ILE B 200 1.56 -28.63 -2.53
C ILE B 200 0.75 -28.82 -1.25
N ILE B 201 -0.17 -27.90 -0.97
CA ILE B 201 -0.98 -27.99 0.24
C ILE B 201 -2.45 -27.76 -0.10
N LEU B 202 -3.30 -28.63 0.46
CA LEU B 202 -4.72 -28.69 0.18
C LEU B 202 -5.46 -28.10 1.38
N ILE B 203 -6.44 -27.23 1.14
CA ILE B 203 -7.33 -26.82 2.24
C ILE B 203 -8.77 -26.93 1.78
N GLY B 204 -9.64 -27.23 2.74
CA GLY B 204 -11.06 -27.33 2.46
C GLY B 204 -11.88 -27.75 3.67
N PRO B 205 -13.21 -27.70 3.54
CA PRO B 205 -14.07 -28.13 4.64
C PRO B 205 -13.94 -29.62 4.88
N GLN B 206 -14.18 -30.01 6.13
CA GLN B 206 -13.77 -31.32 6.63
C GLN B 206 -14.43 -32.49 5.93
N ASN B 207 -15.53 -32.29 5.21
CA ASN B 207 -16.19 -33.37 4.48
C ASN B 207 -16.45 -32.93 3.05
N CYS B 208 -15.44 -33.07 2.18
CA CYS B 208 -15.65 -32.92 0.75
C CYS B 208 -14.86 -33.90 -0.10
N GLY B 209 -13.84 -34.57 0.43
CA GLY B 209 -13.02 -35.47 -0.37
C GLY B 209 -11.53 -35.23 -0.31
N GLN B 210 -11.04 -34.66 0.79
CA GLN B 210 -9.61 -34.49 0.98
C GLN B 210 -8.89 -35.83 0.93
N ASN B 211 -9.24 -36.73 1.84
CA ASN B 211 -8.47 -37.96 2.03
C ASN B 211 -8.46 -38.82 0.77
N GLU B 212 -9.60 -38.88 0.07
CA GLU B 212 -9.66 -39.70 -1.13
C GLU B 212 -8.66 -39.24 -2.18
N LEU B 213 -8.68 -37.95 -2.50
CA LEU B 213 -7.73 -37.43 -3.48
C LEU B 213 -6.30 -37.60 -3.02
N ARG B 214 -6.02 -37.34 -1.75
CA ARG B 214 -4.65 -37.46 -1.27
C ARG B 214 -4.13 -38.89 -1.44
N GLN B 215 -4.89 -39.87 -0.92
CA GLN B 215 -4.42 -41.24 -0.97
C GLN B 215 -4.34 -41.75 -2.41
N ARG B 216 -5.33 -41.43 -3.25
CA ARG B 216 -5.27 -41.95 -4.61
C ARG B 216 -4.22 -41.23 -5.45
N LEU B 217 -3.89 -39.99 -5.08
CA LEU B 217 -2.90 -39.24 -5.84
C LEU B 217 -1.49 -39.72 -5.53
N MET B 218 -1.21 -40.05 -4.27
CA MET B 218 0.10 -40.62 -3.98
C MET B 218 0.14 -42.14 -4.08
N ASN B 219 -0.98 -42.77 -4.42
CA ASN B 219 -1.00 -44.22 -4.59
C ASN B 219 -0.84 -44.67 -6.04
N LYS B 220 -1.23 -43.84 -7.01
CA LYS B 220 -1.16 -44.20 -8.41
C LYS B 220 0.08 -43.62 -9.11
N GLU B 221 0.96 -42.96 -8.36
CA GLU B 221 2.25 -42.50 -8.87
C GLU B 221 3.30 -43.10 -7.94
N LYS B 222 4.13 -44.01 -8.46
CA LYS B 222 4.96 -44.84 -7.60
C LYS B 222 5.95 -44.02 -6.79
N ASP B 223 6.68 -43.11 -7.45
CA ASP B 223 7.80 -42.45 -6.79
C ASP B 223 7.88 -40.98 -7.13
N ARG B 224 6.76 -40.30 -7.33
CA ARG B 224 6.78 -38.89 -7.65
C ARG B 224 6.27 -38.00 -6.52
N PHE B 225 5.68 -38.57 -5.48
CA PHE B 225 5.17 -37.78 -4.36
C PHE B 225 5.59 -38.44 -3.05
N ALA B 226 5.68 -37.62 -2.00
CA ALA B 226 6.07 -38.10 -0.67
C ALA B 226 5.45 -37.19 0.37
N SER B 227 5.67 -37.55 1.65
CA SER B 227 5.12 -36.78 2.76
C SER B 227 6.16 -36.66 3.86
N ALA B 228 6.02 -35.60 4.67
CA ALA B 228 6.93 -35.37 5.77
C ALA B 228 6.64 -36.34 6.91
N VAL B 229 7.37 -36.20 8.01
CA VAL B 229 7.18 -37.05 9.17
C VAL B 229 6.92 -36.20 10.41
N PRO B 230 6.00 -36.60 11.28
CA PRO B 230 5.62 -35.78 12.42
C PRO B 230 6.37 -36.13 13.70
N HIS B 231 6.42 -35.15 14.61
CA HIS B 231 6.93 -35.37 15.95
C HIS B 231 5.84 -35.99 16.82
N THR B 232 6.19 -37.03 17.57
CA THR B 232 5.23 -37.78 18.37
C THR B 232 5.81 -38.12 19.72
N THR B 233 5.03 -37.92 20.77
CA THR B 233 5.44 -38.20 22.14
C THR B 233 4.88 -39.51 22.67
N ARG B 234 4.32 -40.35 21.80
CA ARG B 234 3.73 -41.60 22.23
C ARG B 234 4.83 -42.58 22.63
N SER B 235 4.43 -43.80 23.00
CA SER B 235 5.37 -44.82 23.45
C SER B 235 6.21 -45.32 22.28
N ARG B 236 7.52 -45.42 22.50
CA ARG B 236 8.41 -46.00 21.51
C ARG B 236 8.09 -47.48 21.33
N ARG B 237 8.06 -47.93 20.07
CA ARG B 237 7.77 -49.30 19.74
C ARG B 237 8.83 -49.82 18.77
N ASP B 238 8.67 -51.08 18.36
CA ASP B 238 9.64 -51.73 17.48
C ASP B 238 9.17 -51.81 16.04
N GLN B 239 7.85 -51.88 15.80
CA GLN B 239 7.35 -51.92 14.43
C GLN B 239 7.65 -50.63 13.70
N GLU B 240 7.47 -49.49 14.36
CA GLU B 240 7.69 -48.18 13.74
C GLU B 240 9.14 -47.76 14.00
N VAL B 241 9.97 -47.90 12.99
CA VAL B 241 11.37 -47.48 13.11
C VAL B 241 11.42 -45.96 13.21
N ALA B 242 12.17 -45.46 14.18
CA ALA B 242 12.22 -44.03 14.48
C ALA B 242 12.88 -43.21 13.38
N GLY B 243 13.23 -43.82 12.25
CA GLY B 243 13.81 -43.07 11.16
C GLY B 243 12.93 -42.98 9.94
N ARG B 244 12.08 -43.99 9.73
CA ARG B 244 11.31 -44.11 8.50
C ARG B 244 9.97 -43.39 8.54
N ASP B 245 9.29 -43.37 9.68
CA ASP B 245 7.95 -42.79 9.73
C ASP B 245 7.80 -41.72 10.81
N TYR B 246 8.40 -41.92 11.97
CA TYR B 246 8.17 -41.06 13.12
C TYR B 246 9.48 -40.46 13.61
N HIS B 247 9.38 -39.56 14.57
CA HIS B 247 10.49 -38.70 14.98
C HIS B 247 10.57 -38.65 16.50
N PHE B 248 10.50 -39.81 17.13
CA PHE B 248 10.30 -39.93 18.58
C PHE B 248 11.22 -39.00 19.38
N VAL B 249 10.61 -38.13 20.18
CA VAL B 249 11.31 -37.15 21.00
C VAL B 249 10.54 -37.01 22.31
N SER B 250 11.27 -36.82 23.40
CA SER B 250 10.66 -36.74 24.73
C SER B 250 9.82 -35.46 24.85
N ARG B 251 9.09 -35.37 25.96
CA ARG B 251 8.05 -34.36 26.10
C ARG B 251 8.62 -32.97 26.33
N GLN B 252 9.64 -32.84 27.18
CA GLN B 252 10.08 -31.51 27.58
C GLN B 252 10.70 -30.74 26.43
N ALA B 253 11.62 -31.37 25.69
CA ALA B 253 12.23 -30.70 24.55
C ALA B 253 11.19 -30.37 23.49
N PHE B 254 10.23 -31.27 23.31
CA PHE B 254 9.15 -31.04 22.37
C PHE B 254 8.33 -29.80 22.77
N GLU B 255 8.02 -29.68 24.06
CA GLU B 255 7.33 -28.50 24.56
C GLU B 255 8.18 -27.25 24.45
N ALA B 256 9.51 -27.41 24.44
CA ALA B 256 10.39 -26.24 24.39
C ALA B 256 10.26 -25.48 23.06
N ASP B 257 10.14 -26.20 21.94
CA ASP B 257 10.28 -25.58 20.63
C ASP B 257 9.13 -24.64 20.26
N ILE B 258 8.03 -24.67 21.00
CA ILE B 258 6.94 -23.74 20.73
C ILE B 258 7.39 -22.30 20.98
N ALA B 259 8.25 -22.10 21.99
CA ALA B 259 8.73 -20.75 22.27
C ALA B 259 9.46 -20.16 21.07
N ALA B 260 10.34 -20.96 20.44
CA ALA B 260 11.00 -20.50 19.23
C ALA B 260 10.00 -20.31 18.09
N GLY B 261 9.05 -21.23 17.96
CA GLY B 261 8.06 -21.15 16.90
C GLY B 261 8.53 -21.79 15.61
N LYS B 262 8.94 -23.05 15.69
CA LYS B 262 9.42 -23.80 14.53
C LYS B 262 8.45 -24.93 14.16
N PHE B 263 7.16 -24.67 14.27
CA PHE B 263 6.14 -25.66 13.94
C PHE B 263 5.13 -25.06 12.98
N ILE B 264 4.64 -25.91 12.07
CA ILE B 264 3.60 -25.47 11.14
C ILE B 264 2.25 -25.42 11.85
N GLU B 265 1.85 -26.53 12.45
CA GLU B 265 0.60 -26.60 13.17
C GLU B 265 0.67 -27.77 14.14
N HIS B 266 0.23 -27.56 15.37
CA HIS B 266 0.39 -28.53 16.44
C HIS B 266 -0.94 -28.73 17.15
N GLY B 267 -1.50 -29.94 17.02
CA GLY B 267 -2.74 -30.28 17.67
C GLY B 267 -2.50 -31.18 18.88
N GLU B 268 -3.60 -31.48 19.56
CA GLU B 268 -3.57 -32.28 20.79
C GLU B 268 -4.51 -33.46 20.66
N PHE B 269 -4.11 -34.59 21.24
CA PHE B 269 -4.90 -35.81 21.14
C PHE B 269 -4.43 -36.73 22.26
N GLU B 270 -5.31 -37.01 23.21
CA GLU B 270 -5.07 -37.96 24.31
C GLU B 270 -3.69 -37.75 24.95
N LYS B 271 -3.52 -36.58 25.55
CA LYS B 271 -2.32 -36.22 26.30
C LYS B 271 -1.05 -36.32 25.46
N ASN B 272 -1.18 -36.28 24.13
CA ASN B 272 -0.03 -36.32 23.24
C ASN B 272 -0.20 -35.22 22.21
N LEU B 273 0.85 -34.45 21.96
CA LEU B 273 0.75 -33.29 21.09
C LEU B 273 1.52 -33.58 19.81
N TYR B 274 0.90 -33.29 18.67
CA TYR B 274 1.47 -33.57 17.36
C TYR B 274 1.65 -32.30 16.54
N GLY B 275 2.47 -32.42 15.51
CA GLY B 275 2.74 -31.34 14.59
C GLY B 275 3.80 -31.77 13.60
N THR B 276 4.14 -30.86 12.71
CA THR B 276 5.18 -31.10 11.72
C THR B 276 6.24 -30.02 11.82
N SER B 277 7.47 -30.41 11.53
CA SER B 277 8.58 -29.47 11.55
C SER B 277 8.46 -28.46 10.42
N ILE B 278 9.43 -27.56 10.34
CA ILE B 278 9.65 -26.78 9.14
C ILE B 278 10.91 -27.20 8.41
N ASP B 279 11.73 -28.05 9.02
CA ASP B 279 12.94 -28.54 8.38
C ASP B 279 12.75 -29.89 7.70
N SER B 280 11.78 -30.70 8.14
CA SER B 280 11.47 -31.92 7.43
C SER B 280 10.99 -31.61 6.02
N VAL B 281 10.14 -30.58 5.89
CA VAL B 281 9.69 -30.17 4.57
C VAL B 281 10.86 -29.75 3.70
N ARG B 282 11.78 -28.96 4.25
CA ARG B 282 12.92 -28.52 3.45
C ARG B 282 13.79 -29.71 3.04
N GLN B 283 13.97 -30.67 3.96
CA GLN B 283 14.75 -31.85 3.63
C GLN B 283 14.12 -32.62 2.47
N VAL B 284 12.79 -32.77 2.49
CA VAL B 284 12.16 -33.45 1.37
C VAL B 284 12.26 -32.62 0.09
N ILE B 285 12.20 -31.29 0.20
CA ILE B 285 12.35 -30.45 -0.98
C ILE B 285 13.72 -30.65 -1.61
N ASN B 286 14.76 -30.83 -0.79
CA ASN B 286 16.10 -30.94 -1.37
C ASN B 286 16.25 -32.19 -2.22
N SER B 287 15.38 -33.18 -2.07
CA SER B 287 15.32 -34.31 -2.99
C SER B 287 14.30 -34.00 -4.08
N GLY B 288 13.89 -35.02 -4.84
CA GLY B 288 12.74 -34.86 -5.70
C GLY B 288 11.47 -35.12 -4.91
N LYS B 289 10.47 -35.75 -5.52
CA LYS B 289 9.33 -36.31 -4.79
C LYS B 289 8.60 -35.23 -3.98
N ILE B 290 7.91 -34.35 -4.71
CA ILE B 290 7.11 -33.27 -4.14
C ILE B 290 6.32 -33.74 -2.93
N CYS B 291 6.30 -32.92 -1.87
CA CYS B 291 5.65 -33.29 -0.62
C CYS B 291 4.24 -32.69 -0.55
N LEU B 292 3.32 -33.44 0.03
CA LEU B 292 1.93 -33.05 0.18
C LEU B 292 1.61 -32.82 1.66
N LEU B 293 0.43 -32.25 1.91
CA LEU B 293 0.01 -31.95 3.27
C LEU B 293 -1.50 -31.91 3.31
N SER B 294 -2.03 -31.54 4.47
CA SER B 294 -3.46 -31.27 4.64
C SER B 294 -3.61 -30.34 5.84
N LEU B 295 -3.84 -29.07 5.58
CA LEU B 295 -3.65 -28.03 6.58
C LEU B 295 -4.96 -27.66 7.26
N ARG B 296 -4.86 -26.73 8.20
CA ARG B 296 -5.99 -26.12 8.88
C ARG B 296 -5.87 -24.61 8.77
N THR B 297 -6.98 -23.94 8.50
CA THR B 297 -6.93 -22.54 8.11
C THR B 297 -6.44 -21.61 9.21
N GLN B 298 -6.36 -22.07 10.47
CA GLN B 298 -5.81 -21.21 11.52
C GLN B 298 -4.30 -21.06 11.39
N SER B 299 -3.63 -21.94 10.65
CA SER B 299 -2.19 -22.05 10.68
C SER B 299 -1.54 -21.70 9.34
N LEU B 300 -1.96 -20.60 8.72
CA LEU B 300 -1.34 -20.22 7.47
C LEU B 300 -0.20 -19.23 7.65
N LYS B 301 -0.36 -18.25 8.54
CA LYS B 301 0.58 -17.15 8.67
C LYS B 301 2.03 -17.62 8.63
N THR B 302 2.41 -18.48 9.58
CA THR B 302 3.77 -18.95 9.64
C THR B 302 4.21 -19.56 8.31
N LEU B 303 3.43 -20.49 7.78
CA LEU B 303 3.84 -21.19 6.57
C LEU B 303 3.81 -20.29 5.35
N ARG B 304 3.21 -19.11 5.44
CA ARG B 304 3.30 -18.17 4.34
C ARG B 304 4.37 -17.12 4.57
N ASN B 305 4.87 -16.99 5.79
CA ASN B 305 5.86 -15.98 6.12
C ASN B 305 7.29 -16.49 6.09
N SER B 306 7.50 -17.81 6.12
CA SER B 306 8.83 -18.37 6.09
C SER B 306 9.29 -18.60 4.66
N ASP B 307 10.58 -18.89 4.51
CA ASP B 307 11.18 -19.04 3.18
C ASP B 307 10.92 -20.42 2.60
N LEU B 308 9.65 -20.82 2.57
CA LEU B 308 9.31 -22.14 2.08
C LEU B 308 8.69 -22.13 0.69
N LYS B 309 8.00 -21.06 0.31
CA LYS B 309 7.42 -20.89 -1.02
C LYS B 309 6.41 -21.98 -1.35
N PRO B 310 5.24 -21.98 -0.72
CA PRO B 310 4.28 -23.05 -0.98
C PRO B 310 3.32 -22.76 -2.12
N TYR B 311 2.38 -23.67 -2.36
CA TYR B 311 1.35 -23.52 -3.38
C TYR B 311 0.05 -24.07 -2.80
N ILE B 312 -0.95 -23.20 -2.67
CA ILE B 312 -2.14 -23.50 -1.88
C ILE B 312 -3.31 -23.70 -2.83
N ILE B 313 -4.01 -24.83 -2.72
CA ILE B 313 -5.22 -25.00 -3.51
C ILE B 313 -6.39 -25.40 -2.63
N PHE B 314 -7.58 -25.00 -3.06
CA PHE B 314 -8.80 -25.03 -2.26
C PHE B 314 -9.79 -25.98 -2.89
N ILE B 315 -10.31 -26.91 -2.09
CA ILE B 315 -11.33 -27.86 -2.52
C ILE B 315 -12.65 -27.46 -1.88
N ALA B 316 -13.70 -27.40 -2.69
CA ALA B 316 -14.98 -26.85 -2.28
C ALA B 316 -16.09 -27.86 -2.50
N PRO B 317 -17.19 -27.77 -1.77
CA PRO B 317 -18.29 -28.70 -1.95
C PRO B 317 -19.29 -28.19 -2.96
N PRO B 318 -20.13 -29.06 -3.52
CA PRO B 318 -21.05 -28.63 -4.58
C PRO B 318 -22.33 -28.02 -4.03
N SER B 319 -23.27 -27.70 -4.91
CA SER B 319 -24.51 -27.06 -4.51
C SER B 319 -25.41 -28.05 -3.77
N GLN B 320 -26.56 -27.56 -3.32
CA GLN B 320 -27.46 -28.38 -2.51
C GLN B 320 -27.97 -29.59 -3.29
N GLU B 321 -28.40 -29.37 -4.54
CA GLU B 321 -29.05 -30.43 -5.28
C GLU B 321 -28.11 -31.60 -5.55
N ARG B 322 -26.95 -31.31 -6.13
CA ARG B 322 -26.03 -32.39 -6.48
C ARG B 322 -25.48 -33.08 -5.25
N LEU B 323 -25.14 -32.33 -4.21
CA LEU B 323 -24.60 -32.95 -3.00
C LEU B 323 -25.65 -33.82 -2.33
N ARG B 324 -26.90 -33.36 -2.27
CA ARG B 324 -27.97 -34.20 -1.77
C ARG B 324 -28.13 -35.45 -2.62
N ALA B 325 -27.92 -35.32 -3.93
CA ALA B 325 -27.95 -36.48 -4.80
C ALA B 325 -26.83 -37.46 -4.47
N LEU B 326 -25.66 -36.95 -4.09
CA LEU B 326 -24.50 -37.81 -3.86
C LEU B 326 -24.76 -38.78 -2.72
N LEU B 327 -24.92 -38.27 -1.51
CA LEU B 327 -25.21 -39.10 -0.33
C LEU B 327 -26.03 -38.31 0.69
N GLU B 338 -31.28 -33.95 7.10
CA GLU B 338 -31.43 -33.94 5.66
C GLU B 338 -30.99 -32.61 5.07
N LEU B 339 -31.84 -31.59 5.23
CA LEU B 339 -31.49 -30.26 4.75
C LEU B 339 -30.54 -29.56 5.70
N ARG B 340 -30.47 -30.02 6.95
CA ARG B 340 -29.67 -29.33 7.96
C ARG B 340 -28.18 -29.38 7.63
N GLU B 341 -27.66 -30.58 7.35
CA GLU B 341 -26.23 -30.70 7.08
C GLU B 341 -25.85 -30.00 5.78
N ILE B 342 -26.74 -30.01 4.80
CA ILE B 342 -26.49 -29.25 3.57
C ILE B 342 -26.36 -27.77 3.88
N ILE B 343 -27.28 -27.25 4.70
CA ILE B 343 -27.22 -25.84 5.08
C ILE B 343 -25.90 -25.54 5.80
N GLU B 344 -25.52 -26.45 6.70
CA GLU B 344 -24.27 -26.25 7.44
C GLU B 344 -23.07 -26.21 6.50
N LYS B 345 -23.00 -27.12 5.54
CA LYS B 345 -21.84 -27.16 4.64
C LYS B 345 -21.79 -25.94 3.73
N THR B 346 -22.94 -25.54 3.16
CA THR B 346 -22.93 -24.36 2.31
C THR B 346 -22.69 -23.09 3.11
N ARG B 347 -23.01 -23.09 4.40
CA ARG B 347 -22.64 -21.95 5.23
C ARG B 347 -21.14 -21.94 5.49
N GLU B 348 -20.57 -23.06 5.91
CA GLU B 348 -19.17 -23.12 6.27
C GLU B 348 -18.28 -22.87 5.05
N MET B 349 -18.74 -23.24 3.86
CA MET B 349 -17.97 -22.95 2.66
C MET B 349 -17.74 -21.46 2.51
N GLU B 350 -18.58 -20.65 3.14
CA GLU B 350 -18.36 -19.20 3.14
C GLU B 350 -17.29 -18.84 4.17
N GLN B 351 -16.14 -19.50 4.04
CA GLN B 351 -14.92 -19.03 4.69
C GLN B 351 -14.10 -18.20 3.70
N ASN B 352 -14.70 -17.10 3.28
CA ASN B 352 -13.97 -16.07 2.55
C ASN B 352 -13.35 -15.09 3.54
N ASN B 353 -12.70 -15.67 4.55
CA ASN B 353 -11.77 -14.95 5.40
C ASN B 353 -10.34 -15.42 5.15
N GLY B 354 -10.11 -16.13 4.05
CA GLY B 354 -8.78 -16.49 3.63
C GLY B 354 -8.35 -15.54 2.54
N HIS B 355 -8.45 -15.98 1.28
CA HIS B 355 -8.00 -15.27 0.09
C HIS B 355 -6.48 -15.17 0.05
N TYR B 356 -5.77 -15.97 0.83
CA TYR B 356 -4.34 -16.19 0.60
C TYR B 356 -4.09 -16.95 -0.68
N PHE B 357 -4.92 -17.94 -0.99
CA PHE B 357 -4.59 -18.99 -1.93
C PHE B 357 -4.71 -18.54 -3.37
N ASP B 358 -3.92 -19.19 -4.24
CA ASP B 358 -3.82 -18.77 -5.63
C ASP B 358 -5.08 -19.14 -6.41
N THR B 359 -5.35 -20.44 -6.53
CA THR B 359 -6.47 -20.88 -7.35
C THR B 359 -7.26 -21.93 -6.59
N ALA B 360 -8.53 -22.07 -6.99
CA ALA B 360 -9.42 -23.04 -6.37
C ALA B 360 -10.19 -23.76 -7.45
N ILE B 361 -10.60 -24.98 -7.15
CA ILE B 361 -11.40 -25.79 -8.04
C ILE B 361 -12.74 -26.05 -7.37
N VAL B 362 -13.65 -26.67 -8.12
CA VAL B 362 -14.96 -27.05 -7.61
C VAL B 362 -15.12 -28.55 -7.80
N ASN B 363 -15.54 -29.24 -6.76
CA ASN B 363 -15.69 -30.68 -6.84
C ASN B 363 -16.84 -31.04 -7.77
N SER B 364 -16.70 -32.21 -8.42
CA SER B 364 -17.66 -32.75 -9.36
C SER B 364 -17.57 -34.26 -9.25
N ASP B 365 -17.96 -34.97 -10.30
CA ASP B 365 -17.68 -36.39 -10.40
C ASP B 365 -16.25 -36.67 -9.98
N LEU B 366 -16.08 -37.59 -9.02
CA LEU B 366 -14.78 -37.73 -8.38
C LEU B 366 -13.71 -38.14 -9.38
N ASP B 367 -14.01 -39.06 -10.29
CA ASP B 367 -13.05 -39.41 -11.32
C ASP B 367 -13.14 -38.42 -12.46
N LYS B 368 -13.23 -37.14 -12.13
CA LYS B 368 -13.13 -36.06 -13.09
C LYS B 368 -12.23 -34.92 -12.62
N ALA B 369 -12.04 -34.76 -11.30
CA ALA B 369 -11.22 -33.66 -10.80
C ALA B 369 -9.77 -33.77 -11.24
N TYR B 370 -9.31 -34.95 -11.65
CA TYR B 370 -7.92 -35.10 -12.06
C TYR B 370 -7.59 -34.27 -13.29
N GLN B 371 -8.51 -34.20 -14.24
CA GLN B 371 -8.30 -33.40 -15.44
C GLN B 371 -7.88 -31.98 -15.10
N GLU B 372 -8.17 -31.50 -13.90
CA GLU B 372 -7.69 -30.21 -13.44
C GLU B 372 -6.56 -30.32 -12.43
N LEU B 373 -6.64 -31.26 -11.49
CA LEU B 373 -5.61 -31.36 -10.46
C LEU B 373 -4.27 -31.74 -11.06
N LEU B 374 -4.22 -32.81 -11.84
CA LEU B 374 -2.98 -33.22 -12.48
C LEU B 374 -2.52 -32.18 -13.48
N ARG B 375 -3.48 -31.57 -14.19
CA ARG B 375 -3.13 -30.51 -15.13
C ARG B 375 -2.37 -29.39 -14.43
N LEU B 376 -2.89 -28.91 -13.30
CA LEU B 376 -2.21 -27.84 -12.56
C LEU B 376 -0.86 -28.29 -12.03
N ILE B 377 -0.85 -29.41 -11.30
CA ILE B 377 0.35 -29.80 -10.60
C ILE B 377 1.46 -30.19 -11.56
N ASN B 378 1.12 -30.60 -12.78
CA ASN B 378 2.12 -30.90 -13.78
C ASN B 378 2.45 -29.69 -14.65
N LYS B 379 1.51 -28.76 -14.80
CA LYS B 379 1.74 -27.54 -15.55
C LYS B 379 2.63 -26.56 -14.79
N LEU B 380 2.81 -26.75 -13.49
CA LEU B 380 3.74 -25.89 -12.75
C LEU B 380 5.15 -25.96 -13.31
N ASP B 381 5.48 -27.02 -14.07
CA ASP B 381 6.81 -27.14 -14.65
C ASP B 381 7.05 -26.14 -15.78
N THR B 382 6.04 -25.85 -16.59
CA THR B 382 6.25 -25.15 -17.85
C THR B 382 6.08 -23.63 -17.75
N GLU B 383 4.91 -23.17 -17.32
CA GLU B 383 4.71 -21.72 -17.39
C GLU B 383 5.02 -21.07 -16.06
N PRO B 384 5.67 -19.93 -16.06
CA PRO B 384 6.04 -19.27 -14.79
C PRO B 384 4.83 -18.69 -14.08
N GLN B 385 5.01 -18.40 -12.80
CA GLN B 385 3.93 -17.95 -11.94
C GLN B 385 4.30 -16.63 -11.27
N TRP B 386 3.37 -16.12 -10.47
CA TRP B 386 3.54 -14.85 -9.76
C TRP B 386 3.75 -15.11 -8.28
N VAL B 387 4.75 -14.47 -7.69
CA VAL B 387 4.93 -14.54 -6.24
C VAL B 387 5.23 -13.16 -5.70
N PRO B 388 4.89 -12.91 -4.43
CA PRO B 388 5.17 -11.61 -3.83
C PRO B 388 6.65 -11.34 -3.80
N SER B 389 7.01 -10.06 -3.99
CA SER B 389 8.40 -9.70 -4.25
C SER B 389 9.28 -9.93 -3.03
N THR B 390 8.68 -10.14 -1.87
CA THR B 390 9.48 -10.38 -0.68
C THR B 390 10.24 -11.69 -0.75
N TRP B 391 9.58 -12.75 -1.23
CA TRP B 391 10.17 -14.08 -1.16
C TRP B 391 11.45 -14.20 -1.98
N LEU B 392 11.60 -13.41 -3.03
CA LEU B 392 12.74 -13.57 -3.93
C LEU B 392 14.04 -13.03 -3.36
N ARG B 393 13.98 -12.01 -2.52
CA ARG B 393 15.20 -11.34 -2.07
C ARG B 393 15.42 -11.50 -0.58
N SER C 10 -16.24 19.18 -7.66
CA SER C 10 -16.65 19.94 -8.84
C SER C 10 -15.74 21.13 -9.07
N SER C 11 -14.47 20.85 -9.32
CA SER C 11 -13.51 21.92 -9.58
C SER C 11 -13.91 22.70 -10.82
N ARG C 12 -13.75 22.07 -11.99
CA ARG C 12 -14.14 22.64 -13.28
C ARG C 12 -14.85 21.52 -14.05
N VAL C 13 -15.04 21.75 -15.34
CA VAL C 13 -15.15 20.62 -16.26
C VAL C 13 -13.75 20.03 -16.26
N PRO C 14 -13.57 18.76 -15.92
CA PRO C 14 -12.26 18.30 -15.45
C PRO C 14 -11.11 18.53 -16.42
N ASP C 15 -11.20 17.96 -17.62
CA ASP C 15 -10.14 18.04 -18.62
C ASP C 15 -10.72 17.55 -19.94
N LEU C 16 -9.84 17.32 -20.91
CA LEU C 16 -10.25 16.75 -22.18
C LEU C 16 -9.03 16.16 -22.86
N LEU C 17 -9.23 15.04 -23.53
CA LEU C 17 -8.17 14.36 -24.27
C LEU C 17 -8.26 14.82 -25.72
N VAL C 18 -7.16 15.36 -26.25
CA VAL C 18 -7.16 15.96 -27.58
C VAL C 18 -7.49 14.93 -28.64
#